data_1DD6
#
_entry.id   1DD6
#
_cell.length_a   49.3
_cell.length_b   51.2
_cell.length_c   203.3
_cell.angle_alpha   90.00
_cell.angle_beta   90.00
_cell.angle_gamma   90.00
#
_symmetry.space_group_name_H-M   'P 21 21 21'
#
loop_
_entity.id
_entity.type
_entity.pdbx_description
1 polymer 'IMP-1 METALLO BETA-LACTAMASE'
2 non-polymer 'SULFATE ION'
3 non-polymer 'ZINC ION'
4 non-polymer '(2-MERCAPTOMETHYL-4-PHENYL-BUTYRYLIMINO)-(5-TETRAZOL-1-YLMETHYL-THIOPHEN-2-YL)-ACETIC ACID'
5 water water
#
_entity_poly.entity_id   1
_entity_poly.type   'polypeptide(L)'
_entity_poly.pdbx_seq_one_letter_code
;AESLPDLKIEKLDEGVYVHTSFEEVNGWGVVPKHGLVVLVNAEAYLIDTPFTAKDTEKLVTWFVERGYKIKGSISSHFHS
DSTGGIEWLNSRSIPTYASELTNELLKKDGKVQATNSFSGVNYWLVKNKIEVFYPGPGHTPDNVVVWLPERKILFGGCFI
KPYGLGNLGDANIEAWPKSAKLLKSKYGKAKLVVPSHSEVGDASLLKLTLEQAVKGLNESKKPSKPSN
;
_entity_poly.pdbx_strand_id   A,B
#
# COMPACT_ATOMS: atom_id res chain seq x y z
N LEU A 4 -26.95 -21.52 -27.11
CA LEU A 4 -27.55 -22.81 -27.46
C LEU A 4 -26.92 -24.00 -26.71
N PRO A 5 -25.75 -24.50 -27.16
CA PRO A 5 -25.20 -25.63 -26.38
C PRO A 5 -24.81 -25.22 -24.95
N ASP A 6 -24.67 -26.18 -24.05
CA ASP A 6 -24.26 -25.80 -22.70
C ASP A 6 -22.75 -25.63 -22.68
N LEU A 7 -22.28 -25.14 -21.56
CA LEU A 7 -20.87 -24.89 -21.32
C LEU A 7 -20.12 -26.18 -21.49
N LYS A 8 -19.05 -26.15 -22.27
CA LYS A 8 -18.28 -27.35 -22.43
C LYS A 8 -16.85 -27.08 -21.94
N ILE A 9 -16.26 -28.15 -21.43
CA ILE A 9 -14.91 -28.13 -20.86
C ILE A 9 -14.14 -29.29 -21.45
N GLU A 10 -13.15 -29.01 -22.27
CA GLU A 10 -12.41 -30.13 -22.85
C GLU A 10 -10.90 -29.92 -22.76
N LYS A 11 -10.16 -31.00 -22.60
CA LYS A 11 -8.72 -30.90 -22.48
C LYS A 11 -8.08 -30.38 -23.77
N LEU A 12 -7.10 -29.48 -23.65
CA LEU A 12 -6.40 -28.92 -24.79
C LEU A 12 -4.97 -29.46 -24.83
N ASP A 13 -4.35 -29.59 -23.67
CA ASP A 13 -2.98 -30.11 -23.62
C ASP A 13 -2.74 -30.48 -22.16
N GLU A 14 -1.58 -31.03 -21.83
CA GLU A 14 -1.38 -31.40 -20.43
C GLU A 14 -1.58 -30.25 -19.44
N GLY A 15 -2.42 -30.49 -18.44
CA GLY A 15 -2.72 -29.49 -17.41
C GLY A 15 -3.48 -28.25 -17.90
N VAL A 16 -4.01 -28.31 -19.12
CA VAL A 16 -4.74 -27.20 -19.69
C VAL A 16 -6.03 -27.57 -20.38
N TYR A 17 -7.12 -26.96 -19.90
CA TYR A 17 -8.43 -27.18 -20.46
C TYR A 17 -9.01 -25.90 -21.04
N VAL A 18 -9.85 -26.06 -22.05
CA VAL A 18 -10.52 -24.93 -22.66
C VAL A 18 -12.01 -25.00 -22.24
N HIS A 19 -12.53 -23.90 -21.69
CA HIS A 19 -13.96 -23.91 -21.37
C HIS A 19 -14.64 -23.03 -22.42
N THR A 20 -15.76 -23.51 -22.94
CA THR A 20 -16.43 -22.77 -24.01
C THR A 20 -17.93 -22.63 -23.75
N SER A 21 -18.44 -21.39 -23.82
CA SER A 21 -19.87 -21.15 -23.73
C SER A 21 -20.23 -20.54 -25.10
N PHE A 22 -21.51 -20.52 -25.42
CA PHE A 22 -21.97 -19.95 -26.68
C PHE A 22 -23.02 -18.91 -26.39
N GLU A 23 -23.10 -17.94 -27.28
CA GLU A 23 -24.02 -16.82 -27.13
C GLU A 23 -24.53 -16.33 -28.46
N GLU A 24 -25.80 -15.90 -28.50
CA GLU A 24 -26.35 -15.32 -29.71
C GLU A 24 -26.06 -13.86 -29.54
N VAL A 25 -25.31 -13.30 -30.48
CA VAL A 25 -24.96 -11.89 -30.42
C VAL A 25 -25.60 -11.15 -31.58
N ASN A 26 -26.49 -10.21 -31.27
CA ASN A 26 -27.18 -9.44 -32.31
C ASN A 26 -26.25 -8.95 -33.41
N GLY A 27 -26.65 -9.26 -34.62
CA GLY A 27 -25.87 -8.86 -35.77
C GLY A 27 -24.74 -9.82 -36.07
N TRP A 28 -24.42 -10.74 -35.16
CA TRP A 28 -23.31 -11.67 -35.42
C TRP A 28 -23.65 -13.16 -35.44
N GLY A 29 -24.83 -13.54 -34.97
CA GLY A 29 -25.18 -14.95 -34.93
C GLY A 29 -24.62 -15.64 -33.68
N VAL A 30 -24.41 -16.96 -33.74
CA VAL A 30 -23.86 -17.69 -32.61
C VAL A 30 -22.37 -17.45 -32.56
N VAL A 31 -21.89 -17.13 -31.36
CA VAL A 31 -20.46 -16.84 -31.16
C VAL A 31 -19.96 -17.59 -29.94
N PRO A 32 -18.86 -18.32 -30.09
CA PRO A 32 -18.34 -19.04 -28.92
C PRO A 32 -17.50 -18.10 -28.04
N LYS A 33 -17.31 -18.49 -26.77
CA LYS A 33 -16.43 -17.76 -25.85
C LYS A 33 -15.56 -18.83 -25.17
N HIS A 34 -14.27 -18.81 -25.48
CA HIS A 34 -13.28 -19.75 -24.94
C HIS A 34 -12.48 -19.07 -23.85
N GLY A 35 -12.25 -19.80 -22.78
CA GLY A 35 -11.43 -19.31 -21.68
C GLY A 35 -10.63 -20.57 -21.34
N LEU A 36 -9.76 -20.50 -20.36
CA LEU A 36 -9.00 -21.71 -20.06
C LEU A 36 -9.04 -21.99 -18.59
N VAL A 37 -8.64 -23.22 -18.24
CA VAL A 37 -8.42 -23.55 -16.82
C VAL A 37 -7.01 -24.16 -16.87
N VAL A 38 -6.10 -23.70 -16.02
CA VAL A 38 -4.74 -24.21 -16.02
C VAL A 38 -4.50 -24.81 -14.66
N LEU A 39 -3.94 -26.01 -14.68
CA LEU A 39 -3.67 -26.71 -13.44
C LEU A 39 -2.19 -26.61 -13.13
N VAL A 40 -1.88 -26.28 -11.89
CA VAL A 40 -0.53 -26.19 -11.38
C VAL A 40 -0.60 -27.06 -10.11
N ASN A 41 0.11 -28.19 -10.11
CA ASN A 41 0.10 -29.08 -8.93
C ASN A 41 -1.21 -29.07 -8.10
N ALA A 42 -2.23 -29.83 -8.48
CA ALA A 42 -3.45 -29.88 -7.65
C ALA A 42 -4.30 -28.62 -7.52
N GLU A 43 -3.88 -27.50 -8.11
CA GLU A 43 -4.66 -26.26 -8.03
C GLU A 43 -5.05 -25.81 -9.44
N ALA A 44 -6.20 -25.16 -9.55
CA ALA A 44 -6.72 -24.73 -10.87
C ALA A 44 -6.81 -23.22 -10.97
N TYR A 45 -6.44 -22.68 -12.13
CA TYR A 45 -6.54 -21.24 -12.35
C TYR A 45 -7.47 -20.99 -13.53
N LEU A 46 -8.44 -20.10 -13.34
CA LEU A 46 -9.36 -19.76 -14.41
C LEU A 46 -8.73 -18.65 -15.26
N ILE A 47 -8.66 -18.83 -16.59
CA ILE A 47 -8.15 -17.78 -17.48
C ILE A 47 -9.42 -17.36 -18.22
N ASP A 48 -9.97 -16.24 -17.76
CA ASP A 48 -11.25 -15.70 -18.16
C ASP A 48 -12.35 -16.52 -17.45
N THR A 49 -13.35 -15.81 -16.92
CA THR A 49 -14.45 -16.48 -16.29
C THR A 49 -15.48 -16.59 -17.36
N PRO A 50 -16.47 -17.48 -17.17
CA PRO A 50 -17.57 -17.64 -18.10
C PRO A 50 -18.38 -16.35 -17.90
N PHE A 51 -19.40 -16.19 -18.71
CA PHE A 51 -20.25 -15.03 -18.79
C PHE A 51 -21.25 -14.86 -17.64
N THR A 52 -21.73 -15.97 -17.09
CA THR A 52 -22.70 -15.91 -16.02
C THR A 52 -22.25 -16.53 -14.72
N ALA A 53 -22.95 -16.20 -13.64
CA ALA A 53 -22.63 -16.76 -12.36
C ALA A 53 -22.86 -18.26 -12.42
N LYS A 54 -23.94 -18.70 -13.07
CA LYS A 54 -24.22 -20.14 -13.14
C LYS A 54 -23.21 -20.93 -13.99
N ASP A 55 -22.68 -20.37 -15.10
CA ASP A 55 -21.66 -21.10 -15.85
C ASP A 55 -20.37 -21.09 -15.05
N THR A 56 -20.12 -20.05 -14.27
CA THR A 56 -18.90 -20.00 -13.45
C THR A 56 -18.98 -21.02 -12.33
N GLU A 57 -20.19 -21.22 -11.78
CA GLU A 57 -20.35 -22.18 -10.70
C GLU A 57 -20.12 -23.58 -11.26
N LYS A 58 -20.60 -23.81 -12.48
CA LYS A 58 -20.47 -25.07 -13.18
C LYS A 58 -19.02 -25.41 -13.45
N LEU A 59 -18.29 -24.42 -13.97
CA LEU A 59 -16.88 -24.61 -14.29
C LEU A 59 -16.07 -24.96 -13.06
N VAL A 60 -16.26 -24.18 -11.99
CA VAL A 60 -15.59 -24.35 -10.69
C VAL A 60 -15.94 -25.73 -10.14
N THR A 61 -17.23 -26.05 -10.15
CA THR A 61 -17.68 -27.33 -9.61
C THR A 61 -17.09 -28.53 -10.39
N TRP A 62 -16.90 -28.39 -11.68
CA TRP A 62 -16.34 -29.46 -12.48
C TRP A 62 -14.92 -29.82 -12.02
N PHE A 63 -14.12 -28.80 -11.68
CA PHE A 63 -12.76 -29.03 -11.20
C PHE A 63 -12.74 -29.41 -9.74
N VAL A 64 -13.63 -28.82 -8.92
CA VAL A 64 -13.70 -29.19 -7.51
C VAL A 64 -14.04 -30.70 -7.38
N GLU A 65 -15.00 -31.16 -8.16
CA GLU A 65 -15.42 -32.56 -8.16
C GLU A 65 -14.34 -33.53 -8.63
N ARG A 66 -13.20 -32.97 -9.04
CA ARG A 66 -12.09 -33.78 -9.50
C ARG A 66 -10.88 -33.55 -8.63
N GLY A 67 -11.16 -32.99 -7.46
CA GLY A 67 -10.14 -32.77 -6.46
C GLY A 67 -9.28 -31.52 -6.58
N TYR A 68 -9.61 -30.58 -7.47
CA TYR A 68 -8.82 -29.37 -7.60
C TYR A 68 -9.39 -28.20 -6.82
N LYS A 69 -8.53 -27.47 -6.16
CA LYS A 69 -8.97 -26.27 -5.47
C LYS A 69 -8.75 -25.11 -6.47
N ILE A 70 -9.73 -24.20 -6.59
CA ILE A 70 -9.61 -23.04 -7.50
C ILE A 70 -8.72 -21.99 -6.80
N LYS A 71 -7.48 -21.83 -7.24
CA LYS A 71 -6.58 -20.92 -6.56
C LYS A 71 -6.83 -19.47 -7.00
N GLY A 72 -7.43 -19.30 -8.16
CA GLY A 72 -7.75 -17.96 -8.58
C GLY A 72 -8.22 -17.88 -10.01
N SER A 73 -8.65 -16.69 -10.41
CA SER A 73 -9.04 -16.46 -11.80
C SER A 73 -8.42 -15.13 -12.25
N ILE A 74 -8.11 -15.02 -13.54
CA ILE A 74 -7.61 -13.78 -14.09
C ILE A 74 -8.54 -13.43 -15.28
N SER A 75 -8.97 -12.18 -15.34
CA SER A 75 -9.85 -11.75 -16.45
C SER A 75 -9.00 -10.94 -17.42
N SER A 76 -9.06 -11.25 -18.70
CA SER A 76 -8.22 -10.61 -19.71
C SER A 76 -8.64 -9.22 -20.12
N HIS A 77 -9.91 -8.86 -19.87
CA HIS A 77 -10.35 -7.51 -20.15
C HIS A 77 -11.69 -7.31 -19.45
N PHE A 78 -12.17 -6.06 -19.43
CA PHE A 78 -13.39 -5.77 -18.67
C PHE A 78 -14.76 -6.23 -19.18
N HIS A 79 -14.93 -6.54 -20.45
CA HIS A 79 -16.27 -6.96 -20.87
C HIS A 79 -16.72 -8.21 -20.08
N SER A 80 -18.03 -8.36 -19.95
CA SER A 80 -18.63 -9.45 -19.19
C SER A 80 -18.23 -10.83 -19.63
N ASP A 81 -17.93 -11.04 -20.91
CA ASP A 81 -17.54 -12.38 -21.27
C ASP A 81 -16.22 -12.83 -20.65
N SER A 82 -15.46 -11.90 -20.05
CA SER A 82 -14.21 -12.26 -19.35
C SER A 82 -14.34 -12.11 -17.84
N THR A 83 -15.29 -11.26 -17.42
CA THR A 83 -15.44 -10.91 -15.99
C THR A 83 -16.82 -11.29 -15.35
N GLY A 84 -17.68 -11.87 -16.15
CA GLY A 84 -19.02 -12.25 -15.76
C GLY A 84 -19.08 -13.11 -14.51
N GLY A 85 -17.98 -13.80 -14.23
CA GLY A 85 -17.88 -14.67 -13.08
C GLY A 85 -17.23 -14.08 -11.83
N ILE A 86 -16.66 -12.88 -11.92
CA ILE A 86 -16.01 -12.29 -10.76
C ILE A 86 -16.92 -12.09 -9.57
N GLU A 87 -18.14 -11.64 -9.79
CA GLU A 87 -18.97 -11.48 -8.61
C GLU A 87 -19.14 -12.82 -7.83
N TRP A 88 -19.41 -13.90 -8.54
CA TRP A 88 -19.65 -15.20 -7.88
C TRP A 88 -18.37 -15.70 -7.25
N LEU A 89 -17.25 -15.56 -7.97
CA LEU A 89 -15.99 -15.99 -7.41
C LEU A 89 -15.74 -15.19 -6.14
N ASN A 90 -15.89 -13.88 -6.17
CA ASN A 90 -15.65 -13.13 -4.95
C ASN A 90 -16.58 -13.58 -3.83
N SER A 91 -17.81 -13.96 -4.19
CA SER A 91 -18.76 -14.34 -3.14
C SER A 91 -18.35 -15.70 -2.53
N ARG A 92 -17.58 -16.49 -3.29
CA ARG A 92 -17.09 -17.77 -2.80
C ARG A 92 -15.68 -17.62 -2.18
N SER A 93 -15.22 -16.39 -1.99
CA SER A 93 -13.89 -16.14 -1.45
C SER A 93 -12.77 -16.78 -2.31
N ILE A 94 -13.03 -16.89 -3.60
CA ILE A 94 -11.99 -17.41 -4.50
C ILE A 94 -11.26 -16.18 -5.02
N PRO A 95 -9.91 -16.10 -4.86
CA PRO A 95 -9.17 -14.92 -5.35
C PRO A 95 -9.42 -14.56 -6.82
N THR A 96 -9.80 -13.32 -7.09
CA THR A 96 -9.94 -12.93 -8.48
C THR A 96 -8.85 -11.90 -8.83
N TYR A 97 -8.44 -11.89 -10.08
CA TYR A 97 -7.41 -10.95 -10.55
C TYR A 97 -7.80 -10.23 -11.83
N ALA A 98 -7.36 -8.97 -11.94
CA ALA A 98 -7.52 -8.22 -13.19
C ALA A 98 -6.53 -7.04 -13.13
N SER A 99 -6.19 -6.48 -14.27
CA SER A 99 -5.22 -5.37 -14.26
C SER A 99 -5.86 -4.10 -13.66
N GLU A 100 -5.04 -3.13 -13.27
CA GLU A 100 -5.60 -1.90 -12.72
C GLU A 100 -6.47 -1.27 -13.76
N LEU A 101 -6.13 -1.33 -15.06
CA LEU A 101 -6.99 -0.71 -16.07
C LEU A 101 -8.34 -1.41 -16.14
N THR A 102 -8.32 -2.74 -16.12
CA THR A 102 -9.56 -3.47 -16.16
C THR A 102 -10.45 -3.13 -14.95
N ASN A 103 -9.89 -3.12 -13.74
CA ASN A 103 -10.72 -2.78 -12.58
C ASN A 103 -11.29 -1.39 -12.63
N GLU A 104 -10.57 -0.47 -13.26
CA GLU A 104 -11.05 0.89 -13.32
C GLU A 104 -12.18 0.96 -14.30
N LEU A 105 -12.09 0.19 -15.39
CA LEU A 105 -13.15 0.19 -16.37
C LEU A 105 -14.39 -0.45 -15.73
N LEU A 106 -14.18 -1.51 -14.95
CA LEU A 106 -15.29 -2.16 -14.27
C LEU A 106 -15.95 -1.17 -13.30
N LYS A 107 -15.12 -0.41 -12.60
CA LYS A 107 -15.61 0.56 -11.61
C LYS A 107 -16.42 1.64 -12.33
N LYS A 108 -15.81 2.23 -13.35
CA LYS A 108 -16.51 3.24 -14.12
C LYS A 108 -17.83 2.66 -14.57
N ASP A 109 -17.83 1.37 -14.88
CA ASP A 109 -19.03 0.71 -15.37
C ASP A 109 -20.03 0.22 -14.29
N GLY A 110 -19.80 0.51 -13.02
CA GLY A 110 -20.71 0.03 -11.98
C GLY A 110 -20.72 -1.50 -11.85
N LYS A 111 -19.58 -2.16 -12.18
CA LYS A 111 -19.46 -3.61 -12.07
C LYS A 111 -18.55 -3.97 -10.90
N VAL A 112 -18.67 -5.19 -10.41
CA VAL A 112 -17.87 -5.61 -9.28
C VAL A 112 -16.42 -5.78 -9.79
N GLN A 113 -15.46 -5.34 -9.02
CA GLN A 113 -14.04 -5.45 -9.41
C GLN A 113 -13.35 -6.72 -8.93
N ALA A 114 -12.21 -7.05 -9.55
CA ALA A 114 -11.39 -8.19 -9.13
C ALA A 114 -10.91 -7.76 -7.77
N THR A 115 -10.64 -8.71 -6.92
CA THR A 115 -10.14 -8.44 -5.59
C THR A 115 -8.66 -8.03 -5.66
N ASN A 116 -7.93 -8.49 -6.67
CA ASN A 116 -6.50 -8.20 -6.74
C ASN A 116 -6.18 -7.61 -8.08
N SER A 117 -5.31 -6.59 -8.10
CA SER A 117 -4.95 -6.02 -9.38
C SER A 117 -3.43 -5.98 -9.57
N PHE A 118 -3.05 -5.65 -10.79
CA PHE A 118 -1.66 -5.58 -11.19
C PHE A 118 -1.54 -4.63 -12.36
N SER A 119 -0.33 -4.17 -12.60
CA SER A 119 -0.10 -3.29 -13.74
C SER A 119 1.27 -3.66 -14.33
N GLY A 120 1.68 -2.93 -15.35
CA GLY A 120 2.95 -3.22 -15.98
C GLY A 120 2.71 -3.98 -17.28
N VAL A 121 3.81 -4.15 -18.00
CA VAL A 121 3.81 -4.86 -19.24
C VAL A 121 3.70 -6.35 -18.94
N ASN A 122 4.39 -6.81 -17.90
CA ASN A 122 4.31 -8.23 -17.55
C ASN A 122 4.08 -8.42 -16.12
N TYR A 123 3.34 -9.46 -15.84
CA TYR A 123 3.00 -9.77 -14.49
C TYR A 123 2.88 -11.30 -14.33
N TRP A 124 3.58 -11.86 -13.35
CA TRP A 124 3.43 -13.29 -13.14
C TRP A 124 2.27 -13.59 -12.23
N LEU A 125 1.22 -14.23 -12.75
CA LEU A 125 0.14 -14.60 -11.87
C LEU A 125 0.76 -15.72 -11.00
N VAL A 126 1.44 -16.67 -11.64
CA VAL A 126 2.16 -17.74 -10.93
C VAL A 126 3.61 -17.68 -11.47
N LYS A 127 4.57 -17.40 -10.59
CA LYS A 127 5.96 -17.28 -11.08
C LYS A 127 6.38 -18.41 -12.01
N ASN A 128 6.87 -18.01 -13.18
CA ASN A 128 7.37 -18.89 -14.23
C ASN A 128 6.42 -19.91 -14.78
N LYS A 129 5.12 -19.78 -14.46
CA LYS A 129 4.16 -20.74 -14.99
C LYS A 129 2.94 -20.10 -15.66
N ILE A 130 2.47 -18.97 -15.13
CA ILE A 130 1.34 -18.24 -15.73
C ILE A 130 1.69 -16.76 -15.71
N GLU A 131 1.97 -16.23 -16.89
CA GLU A 131 2.34 -14.84 -17.08
C GLU A 131 1.23 -14.03 -17.78
N VAL A 132 1.07 -12.79 -17.37
CA VAL A 132 0.07 -11.87 -17.96
C VAL A 132 0.85 -10.78 -18.71
N PHE A 133 0.52 -10.52 -19.96
CA PHE A 133 1.23 -9.53 -20.76
C PHE A 133 0.24 -8.53 -21.33
N TYR A 134 0.58 -7.24 -21.21
CA TYR A 134 -0.26 -6.17 -21.76
C TYR A 134 0.40 -5.67 -23.04
N PRO A 135 -0.19 -5.97 -24.21
CA PRO A 135 0.43 -5.50 -25.45
C PRO A 135 0.09 -4.06 -25.75
N GLY A 136 -0.90 -3.52 -25.04
CA GLY A 136 -1.37 -2.17 -25.28
C GLY A 136 -2.83 -2.19 -25.77
N PRO A 137 -3.49 -1.01 -25.94
CA PRO A 137 -4.89 -0.95 -26.40
C PRO A 137 -5.12 -1.63 -27.74
N GLY A 138 -6.30 -2.24 -27.87
CA GLY A 138 -6.68 -2.89 -29.10
C GLY A 138 -8.20 -3.04 -29.07
N HIS A 139 -8.64 -4.29 -28.97
CA HIS A 139 -10.07 -4.62 -28.87
C HIS A 139 -10.69 -3.69 -27.79
N THR A 140 -9.99 -3.57 -26.66
CA THR A 140 -10.39 -2.65 -25.59
C THR A 140 -9.13 -1.94 -25.10
N PRO A 141 -9.27 -0.93 -24.23
CA PRO A 141 -8.12 -0.18 -23.70
C PRO A 141 -7.22 -0.98 -22.79
N ASP A 142 -7.82 -1.96 -22.12
CA ASP A 142 -7.18 -2.78 -21.09
C ASP A 142 -6.78 -4.20 -21.48
N ASN A 143 -7.07 -4.64 -22.69
CA ASN A 143 -6.82 -6.04 -22.94
C ASN A 143 -5.41 -6.58 -22.72
N VAL A 144 -5.36 -7.69 -21.99
CA VAL A 144 -4.12 -8.40 -21.73
C VAL A 144 -4.22 -9.86 -22.21
N VAL A 145 -3.08 -10.53 -22.37
CA VAL A 145 -3.06 -11.93 -22.78
C VAL A 145 -2.39 -12.75 -21.66
N VAL A 146 -2.54 -14.08 -21.73
CA VAL A 146 -1.98 -14.95 -20.70
C VAL A 146 -1.10 -15.97 -21.43
N TRP A 147 0.13 -16.13 -20.96
CA TRP A 147 1.10 -17.05 -21.60
C TRP A 147 1.48 -18.15 -20.60
N LEU A 148 1.53 -19.40 -21.10
CA LEU A 148 1.88 -20.54 -20.28
C LEU A 148 3.20 -21.02 -20.87
N PRO A 149 4.31 -20.74 -20.19
CA PRO A 149 5.64 -21.14 -20.70
C PRO A 149 5.92 -22.59 -21.04
N GLU A 150 5.52 -23.54 -20.18
CA GLU A 150 5.83 -24.93 -20.46
C GLU A 150 5.31 -25.43 -21.79
N ARG A 151 4.02 -25.31 -21.98
CA ARG A 151 3.39 -25.77 -23.21
C ARG A 151 3.42 -24.77 -24.33
N LYS A 152 3.92 -23.58 -24.06
CA LYS A 152 3.98 -22.57 -25.12
C LYS A 152 2.56 -22.21 -25.58
N ILE A 153 1.61 -22.12 -24.63
CA ILE A 153 0.23 -21.77 -24.99
C ILE A 153 -0.05 -20.33 -24.63
N LEU A 154 -0.57 -19.58 -25.60
CA LEU A 154 -0.94 -18.16 -25.43
C LEU A 154 -2.47 -17.98 -25.45
N PHE A 155 -3.04 -17.50 -24.35
CA PHE A 155 -4.47 -17.21 -24.42
C PHE A 155 -4.59 -15.75 -24.83
N GLY A 156 -4.98 -15.50 -26.08
CA GLY A 156 -5.10 -14.14 -26.57
C GLY A 156 -6.38 -13.38 -26.28
N GLY A 157 -7.38 -14.07 -25.76
CA GLY A 157 -8.63 -13.36 -25.46
C GLY A 157 -9.31 -12.69 -26.65
N CYS A 158 -9.94 -11.56 -26.40
CA CYS A 158 -10.70 -10.89 -27.45
C CYS A 158 -9.82 -9.98 -28.31
N PHE A 159 -8.51 -9.99 -28.03
CA PHE A 159 -7.51 -9.25 -28.80
C PHE A 159 -7.22 -9.99 -30.10
N ILE A 160 -7.14 -11.31 -30.04
CA ILE A 160 -6.84 -12.14 -31.22
C ILE A 160 -8.08 -12.20 -32.11
N LYS A 161 -7.98 -11.54 -33.26
CA LYS A 161 -9.10 -11.47 -34.22
C LYS A 161 -8.49 -11.66 -35.63
N PRO A 162 -8.23 -12.91 -36.02
CA PRO A 162 -7.64 -13.21 -37.32
C PRO A 162 -8.52 -12.99 -38.55
N TYR A 163 -9.83 -13.17 -38.42
CA TYR A 163 -10.72 -13.02 -39.56
C TYR A 163 -11.57 -11.75 -39.60
N GLY A 164 -11.52 -10.98 -38.53
CA GLY A 164 -12.26 -9.73 -38.45
C GLY A 164 -12.10 -9.18 -37.05
N LEU A 165 -12.23 -7.88 -36.86
CA LEU A 165 -12.05 -7.25 -35.56
C LEU A 165 -13.23 -7.34 -34.59
N GLY A 166 -14.41 -7.66 -35.10
CA GLY A 166 -15.58 -7.79 -34.25
C GLY A 166 -16.21 -6.47 -33.87
N ASN A 167 -16.68 -6.38 -32.64
CA ASN A 167 -17.32 -5.15 -32.18
C ASN A 167 -16.28 -4.11 -31.78
N LEU A 168 -16.26 -2.99 -32.53
CA LEU A 168 -15.30 -1.91 -32.31
C LEU A 168 -15.72 -0.83 -31.33
N GLY A 169 -16.85 -1.04 -30.67
CA GLY A 169 -17.34 -0.06 -29.71
C GLY A 169 -16.37 0.47 -28.67
N ASP A 170 -15.47 -0.37 -28.15
CA ASP A 170 -14.51 0.14 -27.15
C ASP A 170 -13.10 -0.09 -27.67
N ALA A 171 -12.96 -0.34 -28.96
CA ALA A 171 -11.66 -0.57 -29.56
C ALA A 171 -10.86 0.73 -29.71
N ASN A 172 -9.56 0.59 -29.94
CA ASN A 172 -8.69 1.73 -30.15
C ASN A 172 -8.02 1.34 -31.46
N ILE A 173 -8.70 1.64 -32.55
CA ILE A 173 -8.25 1.30 -33.87
C ILE A 173 -6.88 1.94 -34.14
N GLU A 174 -6.64 3.12 -33.61
CA GLU A 174 -5.35 3.76 -33.84
C GLU A 174 -4.19 2.96 -33.27
N ALA A 175 -4.38 2.45 -32.05
CA ALA A 175 -3.35 1.72 -31.34
C ALA A 175 -3.19 0.24 -31.62
N TRP A 176 -4.29 -0.41 -32.01
CA TRP A 176 -4.27 -1.87 -32.23
C TRP A 176 -3.09 -2.42 -33.07
N PRO A 177 -2.81 -1.83 -34.25
CA PRO A 177 -1.67 -2.37 -35.03
C PRO A 177 -0.32 -2.34 -34.27
N LYS A 178 -0.07 -1.28 -33.48
CA LYS A 178 1.17 -1.21 -32.68
C LYS A 178 1.08 -2.33 -31.63
N SER A 179 -0.08 -2.43 -31.00
CA SER A 179 -0.29 -3.46 -29.97
C SER A 179 -0.12 -4.86 -30.55
N ALA A 180 -0.67 -5.09 -31.74
CA ALA A 180 -0.55 -6.42 -32.34
C ALA A 180 0.90 -6.71 -32.77
N LYS A 181 1.62 -5.67 -33.20
CA LYS A 181 3.01 -5.85 -33.62
C LYS A 181 3.80 -6.32 -32.38
N LEU A 182 3.73 -5.56 -31.30
CA LEU A 182 4.42 -5.94 -30.06
C LEU A 182 4.06 -7.38 -29.62
N LEU A 183 2.77 -7.73 -29.67
CA LEU A 183 2.34 -9.07 -29.28
C LEU A 183 2.93 -10.17 -30.17
N LYS A 184 2.91 -9.96 -31.48
CA LYS A 184 3.47 -10.95 -32.39
C LYS A 184 5.00 -11.05 -32.16
N SER A 185 5.66 -9.94 -31.85
CA SER A 185 7.10 -10.04 -31.63
C SER A 185 7.41 -10.88 -30.40
N LYS A 186 6.60 -10.66 -29.38
CA LYS A 186 6.75 -11.31 -28.10
C LYS A 186 6.47 -12.82 -28.08
N TYR A 187 5.43 -13.25 -28.78
CA TYR A 187 5.01 -14.63 -28.72
C TYR A 187 5.04 -15.47 -30.00
N GLY A 188 5.96 -15.15 -30.89
CA GLY A 188 6.09 -15.90 -32.13
C GLY A 188 6.44 -17.32 -31.75
N LYS A 189 6.99 -17.47 -30.54
CA LYS A 189 7.39 -18.74 -29.96
C LYS A 189 6.18 -19.60 -29.50
N ALA A 190 4.97 -19.06 -29.61
CA ALA A 190 3.78 -19.82 -29.21
C ALA A 190 3.49 -21.02 -30.11
N LYS A 191 3.17 -22.16 -29.49
CA LYS A 191 2.76 -23.35 -30.23
C LYS A 191 1.24 -23.27 -30.45
N LEU A 192 0.51 -22.77 -29.46
CA LEU A 192 -0.94 -22.64 -29.62
C LEU A 192 -1.38 -21.24 -29.20
N VAL A 193 -2.25 -20.61 -29.97
CA VAL A 193 -2.85 -19.33 -29.64
C VAL A 193 -4.36 -19.59 -29.54
N VAL A 194 -4.90 -19.28 -28.38
CA VAL A 194 -6.34 -19.52 -28.09
C VAL A 194 -7.13 -18.22 -28.06
N PRO A 195 -7.90 -17.93 -29.12
CA PRO A 195 -8.68 -16.70 -29.14
C PRO A 195 -9.94 -16.90 -28.32
N SER A 196 -10.55 -15.80 -27.95
CA SER A 196 -11.79 -15.87 -27.23
C SER A 196 -12.92 -16.31 -28.12
N HIS A 197 -12.95 -15.77 -29.35
CA HIS A 197 -14.08 -16.00 -30.26
C HIS A 197 -13.91 -16.76 -31.53
N SER A 198 -12.81 -17.47 -31.65
CA SER A 198 -12.58 -18.28 -32.83
C SER A 198 -11.77 -19.49 -32.40
N GLU A 199 -11.56 -20.43 -33.30
CA GLU A 199 -10.85 -21.67 -33.00
C GLU A 199 -9.40 -21.47 -32.64
N VAL A 200 -8.88 -22.42 -31.89
CA VAL A 200 -7.48 -22.40 -31.50
C VAL A 200 -6.66 -22.46 -32.80
N GLY A 201 -5.51 -21.81 -32.81
CA GLY A 201 -4.66 -21.84 -33.99
C GLY A 201 -3.23 -21.87 -33.53
N ASP A 202 -2.30 -21.55 -34.43
CA ASP A 202 -0.88 -21.55 -34.09
C ASP A 202 -0.41 -20.11 -34.11
N ALA A 203 0.90 -19.88 -34.06
CA ALA A 203 1.40 -18.52 -34.04
C ALA A 203 0.96 -17.64 -35.20
N SER A 204 0.53 -18.24 -36.30
CA SER A 204 0.09 -17.47 -37.45
C SER A 204 -1.09 -16.59 -37.06
N LEU A 205 -1.84 -16.95 -36.01
CA LEU A 205 -2.95 -16.11 -35.60
C LEU A 205 -2.51 -14.71 -35.17
N LEU A 206 -1.26 -14.56 -34.71
CA LEU A 206 -0.72 -13.25 -34.29
C LEU A 206 -0.52 -12.38 -35.53
N LYS A 207 -0.11 -13.04 -36.61
CA LYS A 207 0.13 -12.34 -37.86
C LYS A 207 -1.22 -11.91 -38.46
N LEU A 208 -2.19 -12.83 -38.45
CA LEU A 208 -3.54 -12.53 -38.95
C LEU A 208 -4.19 -11.38 -38.19
N THR A 209 -3.96 -11.32 -36.87
CA THR A 209 -4.51 -10.25 -36.07
C THR A 209 -3.85 -8.92 -36.44
N LEU A 210 -2.53 -8.93 -36.67
CA LEU A 210 -1.86 -7.70 -37.05
C LEU A 210 -2.47 -7.20 -38.36
N GLU A 211 -2.62 -8.11 -39.32
CA GLU A 211 -3.20 -7.76 -40.62
C GLU A 211 -4.59 -7.15 -40.46
N GLN A 212 -5.47 -7.83 -39.72
CA GLN A 212 -6.82 -7.32 -39.51
C GLN A 212 -6.83 -5.95 -38.83
N ALA A 213 -5.90 -5.72 -37.90
CA ALA A 213 -5.83 -4.44 -37.19
C ALA A 213 -5.33 -3.37 -38.17
N VAL A 214 -4.32 -3.70 -38.95
CA VAL A 214 -3.79 -2.76 -39.90
C VAL A 214 -4.95 -2.37 -40.81
N LYS A 215 -5.61 -3.39 -41.36
CA LYS A 215 -6.76 -3.21 -42.24
C LYS A 215 -7.83 -2.29 -41.65
N GLY A 216 -8.08 -2.44 -40.35
CA GLY A 216 -9.10 -1.64 -39.69
C GLY A 216 -8.70 -0.19 -39.46
N LEU A 217 -7.40 0.06 -39.32
CA LEU A 217 -6.97 1.43 -39.11
C LEU A 217 -7.25 2.24 -40.38
N ASN A 218 -6.96 1.67 -41.54
CA ASN A 218 -7.22 2.38 -42.79
C ASN A 218 -8.68 2.85 -42.88
N GLU A 219 -9.54 1.91 -43.25
CA GLU A 219 -10.97 2.15 -43.38
C GLU A 219 -11.66 2.54 -42.07
N LEU B 4 11.36 -3.73 13.32
CA LEU B 4 12.35 -4.61 12.62
C LEU B 4 13.65 -3.87 12.23
N PRO B 5 13.60 -2.91 11.27
CA PRO B 5 14.85 -2.23 10.94
C PRO B 5 15.54 -1.64 12.18
N ASP B 6 16.86 -1.59 12.13
CA ASP B 6 17.65 -1.11 13.25
C ASP B 6 17.55 0.37 13.47
N LEU B 7 17.70 0.74 14.73
CA LEU B 7 17.66 2.13 15.15
C LEU B 7 18.62 2.95 14.28
N LYS B 8 18.23 4.16 13.95
CA LYS B 8 19.14 4.99 13.18
C LYS B 8 19.27 6.36 13.84
N ILE B 9 20.48 6.89 13.75
CA ILE B 9 20.85 8.19 14.30
C ILE B 9 21.42 8.99 13.15
N GLU B 10 20.80 10.11 12.83
CA GLU B 10 21.27 10.94 11.74
C GLU B 10 21.38 12.37 12.21
N LYS B 11 22.49 13.00 11.89
CA LYS B 11 22.74 14.38 12.26
C LYS B 11 21.72 15.26 11.55
N LEU B 12 20.99 16.05 12.31
CA LEU B 12 20.00 16.96 11.75
C LEU B 12 20.57 18.36 11.58
N ASP B 13 21.30 18.83 12.59
CA ASP B 13 21.89 20.17 12.58
C ASP B 13 23.08 19.98 13.51
N GLU B 14 23.74 21.06 13.88
CA GLU B 14 24.87 20.96 14.80
C GLU B 14 24.36 20.62 16.20
N GLY B 15 24.97 19.59 16.79
CA GLY B 15 24.62 19.14 18.12
C GLY B 15 23.20 18.62 18.26
N VAL B 16 22.57 18.33 17.13
CA VAL B 16 21.19 17.86 17.15
C VAL B 16 21.01 16.68 16.21
N TYR B 17 20.73 15.52 16.80
CA TYR B 17 20.55 14.30 16.04
C TYR B 17 19.12 13.80 16.13
N VAL B 18 18.66 13.07 15.13
CA VAL B 18 17.32 12.50 15.13
C VAL B 18 17.50 11.00 15.29
N HIS B 19 16.84 10.37 16.27
CA HIS B 19 16.95 8.91 16.42
C HIS B 19 15.62 8.34 15.98
N THR B 20 15.69 7.33 15.12
CA THR B 20 14.47 6.73 14.63
C THR B 20 14.44 5.25 14.98
N SER B 21 13.37 4.81 15.63
CA SER B 21 13.25 3.42 16.00
C SER B 21 11.99 3.00 15.30
N PHE B 22 11.76 1.69 15.17
CA PHE B 22 10.60 1.25 14.42
C PHE B 22 9.69 0.25 15.10
N GLU B 23 8.45 0.24 14.64
CA GLU B 23 7.44 -0.68 15.14
C GLU B 23 6.44 -1.09 14.06
N GLU B 24 5.91 -2.29 14.20
CA GLU B 24 4.93 -2.80 13.27
C GLU B 24 3.53 -2.51 13.84
N VAL B 25 2.85 -1.52 13.28
CA VAL B 25 1.52 -1.19 13.78
C VAL B 25 0.44 -1.80 12.90
N ASN B 26 -0.46 -2.50 13.56
CA ASN B 26 -1.58 -3.19 12.91
C ASN B 26 -2.22 -2.37 11.79
N GLY B 27 -1.93 -2.77 10.54
CA GLY B 27 -2.52 -2.09 9.40
C GLY B 27 -1.67 -1.07 8.63
N TRP B 28 -0.63 -0.53 9.26
CA TRP B 28 0.18 0.46 8.56
C TRP B 28 1.59 -0.01 8.31
N GLY B 29 1.84 -1.30 8.52
CA GLY B 29 3.19 -1.78 8.31
C GLY B 29 4.16 -1.18 9.31
N VAL B 30 5.44 -1.06 8.92
CA VAL B 30 6.48 -0.53 9.79
C VAL B 30 6.48 1.00 9.83
N VAL B 31 6.10 1.53 10.98
CA VAL B 31 6.03 2.97 11.22
C VAL B 31 7.23 3.45 12.04
N PRO B 32 7.87 4.57 11.61
CA PRO B 32 9.02 5.07 12.38
C PRO B 32 8.55 6.00 13.49
N LYS B 33 9.42 6.18 14.48
CA LYS B 33 9.22 7.09 15.61
C LYS B 33 10.53 7.88 15.74
N HIS B 34 10.43 9.18 15.51
CA HIS B 34 11.60 10.04 15.60
C HIS B 34 11.62 10.69 17.00
N GLY B 35 12.83 10.86 17.50
CA GLY B 35 13.10 11.50 18.76
C GLY B 35 14.39 12.22 18.45
N LEU B 36 14.88 13.05 19.37
CA LEU B 36 16.12 13.76 19.15
C LEU B 36 17.14 13.48 20.27
N VAL B 37 18.39 13.81 19.99
CA VAL B 37 19.47 13.74 20.95
C VAL B 37 20.14 15.10 20.78
N VAL B 38 20.16 15.90 21.86
CA VAL B 38 20.76 17.22 21.83
C VAL B 38 22.06 17.25 22.62
N LEU B 39 23.12 17.78 22.01
CA LEU B 39 24.42 17.87 22.67
C LEU B 39 24.67 19.24 23.28
N VAL B 40 25.11 19.25 24.54
CA VAL B 40 25.45 20.49 25.21
C VAL B 40 26.77 20.16 25.90
N ASN B 41 27.84 20.85 25.48
CA ASN B 41 29.18 20.67 26.03
C ASN B 41 29.54 19.25 26.51
N ALA B 42 29.84 18.36 25.57
CA ALA B 42 30.21 16.99 25.93
C ALA B 42 29.14 16.16 26.64
N GLU B 43 27.96 16.71 26.83
CA GLU B 43 26.88 15.97 27.48
C GLU B 43 25.83 15.74 26.39
N ALA B 44 24.83 14.92 26.69
CA ALA B 44 23.78 14.65 25.72
C ALA B 44 22.44 14.43 26.40
N TYR B 45 21.39 15.01 25.83
CA TYR B 45 20.08 14.80 26.39
C TYR B 45 19.22 14.08 25.36
N LEU B 46 18.52 13.05 25.80
CA LEU B 46 17.65 12.33 24.88
C LEU B 46 16.32 13.08 24.87
N ILE B 47 15.74 13.25 23.69
CA ILE B 47 14.43 13.87 23.58
C ILE B 47 13.56 12.73 23.09
N ASP B 48 12.89 12.10 24.04
CA ASP B 48 12.05 10.93 23.85
C ASP B 48 12.98 9.74 23.80
N THR B 49 12.52 8.62 24.33
CA THR B 49 13.31 7.41 24.29
C THR B 49 12.76 6.58 23.13
N PRO B 50 13.62 5.73 22.52
CA PRO B 50 13.21 4.87 21.43
C PRO B 50 12.10 4.04 22.05
N PHE B 51 11.49 3.15 21.28
CA PHE B 51 10.38 2.35 21.79
C PHE B 51 10.75 1.28 22.83
N THR B 52 11.88 0.59 22.63
CA THR B 52 12.28 -0.47 23.57
C THR B 52 13.52 -0.09 24.39
N ALA B 53 13.75 -0.86 25.45
CA ALA B 53 14.88 -0.65 26.33
C ALA B 53 16.17 -0.87 25.53
N LYS B 54 16.17 -1.92 24.73
CA LYS B 54 17.36 -2.26 23.95
C LYS B 54 17.75 -1.12 23.00
N ASP B 55 16.80 -0.53 22.26
CA ASP B 55 17.15 0.59 21.38
C ASP B 55 17.62 1.78 22.21
N THR B 56 16.96 1.99 23.37
CA THR B 56 17.33 3.10 24.26
C THR B 56 18.80 2.88 24.63
N GLU B 57 19.16 1.64 24.94
CA GLU B 57 20.55 1.38 25.27
C GLU B 57 21.47 1.64 24.07
N LYS B 58 21.12 1.10 22.90
CA LYS B 58 21.99 1.33 21.73
C LYS B 58 22.15 2.83 21.53
N LEU B 59 21.08 3.58 21.78
CA LEU B 59 21.13 5.04 21.59
C LEU B 59 22.11 5.71 22.54
N VAL B 60 21.95 5.40 23.83
CA VAL B 60 22.82 5.97 24.86
C VAL B 60 24.30 5.63 24.63
N THR B 61 24.56 4.36 24.32
CA THR B 61 25.92 3.86 24.10
C THR B 61 26.56 4.47 22.85
N TRP B 62 25.75 4.70 21.81
CA TRP B 62 26.24 5.28 20.56
C TRP B 62 26.88 6.62 20.87
N PHE B 63 26.23 7.38 21.74
CA PHE B 63 26.75 8.69 22.11
C PHE B 63 27.86 8.62 23.16
N VAL B 64 27.73 7.69 24.10
CA VAL B 64 28.75 7.53 25.13
C VAL B 64 30.15 7.22 24.55
N GLU B 65 30.26 6.24 23.67
CA GLU B 65 31.54 5.87 23.10
C GLU B 65 32.15 6.99 22.25
N ARG B 66 31.39 8.06 22.07
CA ARG B 66 31.85 9.20 21.29
C ARG B 66 32.20 10.37 22.18
N GLY B 67 32.21 10.15 23.49
CA GLY B 67 32.57 11.22 24.40
C GLY B 67 31.45 12.04 24.95
N TYR B 68 30.21 11.57 24.81
CA TYR B 68 29.10 12.33 25.36
C TYR B 68 28.39 11.55 26.43
N LYS B 69 28.49 12.04 27.66
CA LYS B 69 27.86 11.43 28.82
C LYS B 69 26.39 11.83 28.72
N ILE B 70 25.48 10.87 28.84
CA ILE B 70 24.08 11.19 28.73
C ILE B 70 23.62 11.81 30.05
N LYS B 71 23.32 13.11 30.03
CA LYS B 71 22.93 13.77 31.24
C LYS B 71 21.45 13.74 31.60
N GLY B 72 20.59 13.46 30.63
CA GLY B 72 19.17 13.42 30.95
C GLY B 72 18.27 13.00 29.80
N SER B 73 17.03 12.67 30.13
CA SER B 73 16.05 12.22 29.17
C SER B 73 14.65 12.75 29.49
N ILE B 74 14.04 13.45 28.52
CA ILE B 74 12.68 13.94 28.69
C ILE B 74 11.74 13.27 27.69
N SER B 75 10.59 12.77 28.16
CA SER B 75 9.59 12.12 27.33
C SER B 75 8.51 13.14 27.07
N SER B 76 8.13 13.33 25.80
CA SER B 76 7.13 14.31 25.41
C SER B 76 5.69 13.93 25.71
N HIS B 77 5.40 12.65 25.97
CA HIS B 77 4.06 12.23 26.41
C HIS B 77 4.13 10.80 26.91
N PHE B 78 3.05 10.31 27.52
CA PHE B 78 3.09 8.97 28.14
C PHE B 78 3.14 7.70 27.29
N HIS B 79 2.65 7.75 26.05
CA HIS B 79 2.66 6.55 25.19
C HIS B 79 4.04 5.92 25.12
N SER B 80 4.06 4.59 25.03
CA SER B 80 5.32 3.80 25.00
C SER B 80 6.38 4.24 24.02
N ASP B 81 5.98 4.87 22.91
CA ASP B 81 6.98 5.29 21.95
C ASP B 81 7.77 6.52 22.36
N SER B 82 7.39 7.11 23.48
CA SER B 82 8.15 8.23 24.02
C SER B 82 8.78 7.83 25.36
N THR B 83 8.13 6.92 26.07
CA THR B 83 8.59 6.53 27.40
C THR B 83 9.19 5.14 27.55
N GLY B 84 9.27 4.43 26.44
CA GLY B 84 9.79 3.08 26.45
C GLY B 84 11.07 2.82 27.22
N GLY B 85 12.05 3.69 27.12
CA GLY B 85 13.31 3.44 27.79
C GLY B 85 13.45 3.95 29.21
N ILE B 86 12.41 4.57 29.78
CA ILE B 86 12.53 5.10 31.14
C ILE B 86 12.88 4.07 32.21
N GLU B 87 12.23 2.92 32.20
CA GLU B 87 12.55 1.90 33.20
C GLU B 87 14.05 1.58 33.13
N TRP B 88 14.58 1.47 31.91
CA TRP B 88 15.99 1.16 31.74
C TRP B 88 16.92 2.30 32.15
N LEU B 89 16.56 3.52 31.79
CA LEU B 89 17.33 4.71 32.12
C LEU B 89 17.39 4.91 33.64
N ASN B 90 16.28 4.65 34.32
CA ASN B 90 16.22 4.83 35.76
C ASN B 90 17.13 3.81 36.47
N SER B 91 17.14 2.57 35.95
CA SER B 91 17.95 1.48 36.51
C SER B 91 19.44 1.78 36.37
N ARG B 92 19.81 2.62 35.41
CA ARG B 92 21.20 3.02 35.23
C ARG B 92 21.38 4.38 35.90
N SER B 93 20.36 4.81 36.64
CA SER B 93 20.37 6.10 37.30
C SER B 93 20.53 7.30 36.36
N ILE B 94 20.07 7.20 35.12
CA ILE B 94 20.19 8.33 34.20
C ILE B 94 18.98 9.22 34.44
N PRO B 95 19.19 10.52 34.71
CA PRO B 95 18.09 11.45 34.98
C PRO B 95 16.96 11.45 33.93
N THR B 96 15.75 11.06 34.35
CA THR B 96 14.59 11.05 33.46
C THR B 96 13.57 12.11 33.89
N TYR B 97 13.02 12.82 32.89
CA TYR B 97 12.05 13.88 33.12
C TYR B 97 10.78 13.66 32.31
N ALA B 98 9.63 14.02 32.89
CA ALA B 98 8.34 13.94 32.21
C ALA B 98 7.46 14.95 32.92
N SER B 99 6.46 15.50 32.25
CA SER B 99 5.58 16.46 32.91
C SER B 99 4.81 15.72 34.01
N GLU B 100 4.15 16.50 34.88
CA GLU B 100 3.36 15.97 35.98
C GLU B 100 2.26 15.16 35.37
N LEU B 101 1.68 15.69 34.30
CA LEU B 101 0.58 14.99 33.64
C LEU B 101 1.06 13.67 33.09
N THR B 102 2.22 13.68 32.46
CA THR B 102 2.76 12.46 31.90
C THR B 102 2.99 11.36 32.95
N ASN B 103 3.63 11.69 34.07
CA ASN B 103 3.83 10.68 35.10
C ASN B 103 2.51 10.12 35.64
N GLU B 104 1.50 10.97 35.77
CA GLU B 104 0.20 10.55 36.28
C GLU B 104 -0.32 9.45 35.35
N LEU B 105 -0.28 9.74 34.05
CA LEU B 105 -0.74 8.80 33.04
C LEU B 105 0.12 7.54 32.98
N LEU B 106 1.43 7.68 33.08
CA LEU B 106 2.28 6.49 33.09
C LEU B 106 1.81 5.63 34.29
N LYS B 107 1.71 6.26 35.46
CA LYS B 107 1.28 5.57 36.67
C LYS B 107 0.00 4.77 36.50
N LYS B 108 -1.07 5.42 36.09
CA LYS B 108 -2.34 4.72 35.96
C LYS B 108 -2.26 3.65 34.88
N ASP B 109 -1.29 3.82 33.99
CA ASP B 109 -1.13 2.86 32.91
C ASP B 109 -0.15 1.73 33.32
N GLY B 110 0.21 1.68 34.60
CA GLY B 110 1.12 0.64 35.07
C GLY B 110 2.54 0.76 34.53
N LYS B 111 2.96 1.97 34.22
CA LYS B 111 4.30 2.17 33.68
C LYS B 111 5.22 2.90 34.62
N VAL B 112 6.52 2.61 34.52
CA VAL B 112 7.49 3.30 35.35
C VAL B 112 7.55 4.78 34.97
N GLN B 113 7.56 5.65 35.98
CA GLN B 113 7.57 7.10 35.77
C GLN B 113 8.95 7.72 35.72
N ALA B 114 9.00 8.92 35.11
CA ALA B 114 10.23 9.66 35.01
C ALA B 114 10.57 10.01 36.47
N THR B 115 11.83 10.05 36.84
CA THR B 115 12.19 10.36 38.22
C THR B 115 12.00 11.85 38.58
N ASN B 116 12.15 12.73 37.59
CA ASN B 116 11.97 14.18 37.76
C ASN B 116 10.72 14.68 37.03
N SER B 117 9.94 15.52 37.69
CA SER B 117 8.69 16.04 37.12
C SER B 117 8.69 17.57 36.90
N PHE B 118 7.65 18.06 36.24
CA PHE B 118 7.51 19.50 35.99
C PHE B 118 6.10 19.76 35.47
N SER B 119 5.65 21.00 35.58
CA SER B 119 4.32 21.36 35.11
C SER B 119 4.38 22.76 34.53
N GLY B 120 3.22 23.30 34.17
CA GLY B 120 3.19 24.65 33.63
C GLY B 120 3.43 24.75 32.14
N VAL B 121 3.19 25.96 31.63
CA VAL B 121 3.35 26.27 30.22
C VAL B 121 4.75 25.88 29.76
N ASN B 122 5.80 26.47 30.31
CA ASN B 122 7.10 26.01 29.88
C ASN B 122 8.08 25.70 30.97
N TYR B 123 9.19 25.10 30.58
CA TYR B 123 10.18 24.69 31.55
C TYR B 123 11.51 24.56 30.83
N TRP B 124 12.56 25.18 31.36
CA TRP B 124 13.86 25.07 30.73
C TRP B 124 14.63 23.95 31.38
N LEU B 125 14.68 22.82 30.68
CA LEU B 125 15.40 21.67 31.16
C LEU B 125 16.88 22.09 31.17
N VAL B 126 17.22 23.06 30.30
CA VAL B 126 18.58 23.61 30.22
C VAL B 126 18.54 25.04 29.68
N LYS B 127 18.74 26.03 30.56
CA LYS B 127 18.70 27.45 30.18
C LYS B 127 19.24 27.76 28.79
N ASN B 128 18.39 28.31 27.94
CA ASN B 128 18.76 28.68 26.56
C ASN B 128 19.14 27.57 25.59
N LYS B 129 19.06 26.32 26.02
CA LYS B 129 19.42 25.20 25.15
C LYS B 129 18.25 24.24 24.88
N ILE B 130 17.60 23.78 25.94
CA ILE B 130 16.48 22.85 25.80
C ILE B 130 15.32 23.38 26.62
N GLU B 131 14.25 23.84 25.95
CA GLU B 131 13.05 24.32 26.63
C GLU B 131 11.90 23.34 26.35
N VAL B 132 11.02 23.18 27.32
CA VAL B 132 9.87 22.29 27.19
C VAL B 132 8.58 23.12 27.29
N PHE B 133 7.70 22.99 26.28
CA PHE B 133 6.44 23.74 26.24
C PHE B 133 5.21 22.84 26.14
N TYR B 134 4.18 23.18 26.93
CA TYR B 134 2.91 22.48 26.95
C TYR B 134 1.86 23.36 26.25
N PRO B 135 1.51 23.04 25.01
CA PRO B 135 0.51 23.83 24.27
C PRO B 135 -0.94 23.52 24.67
N GLY B 136 -1.14 22.45 25.44
CA GLY B 136 -2.50 22.05 25.83
C GLY B 136 -2.82 20.62 25.35
N PRO B 137 -3.93 20.02 25.79
CA PRO B 137 -4.22 18.67 25.32
C PRO B 137 -4.36 18.62 23.80
N GLY B 138 -4.22 17.43 23.23
CA GLY B 138 -4.37 17.28 21.78
C GLY B 138 -4.37 15.79 21.46
N HIS B 139 -3.24 15.31 20.96
CA HIS B 139 -3.05 13.88 20.67
C HIS B 139 -3.26 13.10 21.99
N THR B 140 -2.78 13.70 23.08
CA THR B 140 -2.94 13.15 24.44
C THR B 140 -3.11 14.33 25.41
N PRO B 141 -3.63 14.06 26.60
CA PRO B 141 -3.85 15.13 27.60
C PRO B 141 -2.58 15.85 28.06
N ASP B 142 -1.47 15.14 27.97
CA ASP B 142 -0.18 15.62 28.47
C ASP B 142 0.85 16.01 27.47
N ASN B 143 0.55 15.86 26.18
CA ASN B 143 1.60 16.11 25.22
C ASN B 143 2.30 17.49 25.29
N VAL B 144 3.64 17.45 25.30
CA VAL B 144 4.44 18.68 25.36
C VAL B 144 5.42 18.62 24.18
N VAL B 145 6.02 19.76 23.84
CA VAL B 145 6.98 19.82 22.74
C VAL B 145 8.30 20.33 23.30
N VAL B 146 9.39 20.10 22.59
CA VAL B 146 10.70 20.56 23.05
C VAL B 146 11.28 21.49 22.02
N TRP B 147 11.67 22.68 22.48
CA TRP B 147 12.24 23.73 21.64
C TRP B 147 13.74 23.96 21.91
N LEU B 148 14.53 23.99 20.86
CA LEU B 148 15.98 24.20 20.96
C LEU B 148 16.27 25.58 20.35
N PRO B 149 16.26 26.63 21.18
CA PRO B 149 16.49 28.02 20.75
C PRO B 149 17.72 28.26 19.92
N GLU B 150 18.79 27.59 20.29
CA GLU B 150 20.08 27.74 19.63
C GLU B 150 20.05 27.44 18.13
N ARG B 151 19.23 26.47 17.75
CA ARG B 151 19.11 26.07 16.34
C ARG B 151 17.75 26.38 15.74
N LYS B 152 16.80 26.81 16.57
CA LYS B 152 15.45 27.09 16.13
C LYS B 152 14.81 25.81 15.60
N ILE B 153 15.00 24.73 16.36
CA ILE B 153 14.46 23.42 16.04
C ILE B 153 13.39 23.03 17.07
N LEU B 154 12.19 22.69 16.60
CA LEU B 154 11.10 22.27 17.51
C LEU B 154 10.82 20.79 17.37
N PHE B 155 10.82 20.08 18.50
CA PHE B 155 10.44 18.67 18.44
C PHE B 155 8.96 18.67 18.77
N GLY B 156 8.11 18.36 17.79
CA GLY B 156 6.67 18.37 18.00
C GLY B 156 6.08 17.08 18.56
N GLY B 157 6.87 16.02 18.56
CA GLY B 157 6.39 14.76 19.07
C GLY B 157 5.20 14.25 18.27
N CYS B 158 4.30 13.56 18.95
CA CYS B 158 3.12 13.01 18.30
C CYS B 158 2.02 14.03 18.21
N PHE B 159 2.30 15.25 18.67
CA PHE B 159 1.31 16.32 18.58
C PHE B 159 1.24 16.86 17.14
N ILE B 160 2.40 16.96 16.49
CA ILE B 160 2.45 17.45 15.13
C ILE B 160 2.00 16.32 14.20
N LYS B 161 0.89 16.58 13.51
CA LYS B 161 0.27 15.62 12.61
C LYS B 161 -0.16 16.39 11.35
N PRO B 162 0.75 16.58 10.39
CA PRO B 162 0.48 17.31 9.16
C PRO B 162 -0.50 16.69 8.16
N TYR B 163 -0.62 15.36 8.17
CA TYR B 163 -1.46 14.70 7.17
C TYR B 163 -2.61 13.87 7.68
N GLY B 164 -2.95 14.04 8.96
CA GLY B 164 -4.02 13.24 9.54
C GLY B 164 -3.69 13.11 11.00
N LEU B 165 -4.71 13.12 11.84
CA LEU B 165 -4.50 13.08 13.29
C LEU B 165 -3.99 11.76 13.89
N GLY B 166 -4.22 10.63 13.21
CA GLY B 166 -3.75 9.35 13.70
C GLY B 166 -4.69 8.71 14.71
N ASN B 167 -4.12 7.96 15.66
CA ASN B 167 -4.93 7.29 16.67
C ASN B 167 -5.50 8.33 17.65
N LEU B 168 -6.83 8.34 17.76
CA LEU B 168 -7.53 9.28 18.64
C LEU B 168 -7.89 8.70 20.00
N GLY B 169 -7.48 7.46 20.25
CA GLY B 169 -7.78 6.82 21.53
C GLY B 169 -7.63 7.68 22.77
N ASP B 170 -6.54 8.44 22.86
CA ASP B 170 -6.30 9.28 24.01
C ASP B 170 -6.35 10.77 23.71
N ALA B 171 -6.77 11.10 22.49
CA ALA B 171 -6.86 12.48 22.02
C ALA B 171 -7.97 13.31 22.66
N ASN B 172 -7.78 14.62 22.69
CA ASN B 172 -8.76 15.56 23.23
C ASN B 172 -9.05 16.41 22.01
N ILE B 173 -9.98 15.93 21.19
CA ILE B 173 -10.34 16.58 19.93
C ILE B 173 -10.91 17.97 20.10
N GLU B 174 -11.62 18.20 21.21
CA GLU B 174 -12.20 19.50 21.45
C GLU B 174 -11.10 20.54 21.76
N ALA B 175 -9.99 20.08 22.36
CA ALA B 175 -8.91 20.99 22.74
C ALA B 175 -7.80 21.21 21.72
N TRP B 176 -7.57 20.20 20.93
CA TRP B 176 -6.51 20.24 19.95
C TRP B 176 -6.41 21.48 19.05
N PRO B 177 -7.54 22.00 18.54
CA PRO B 177 -7.32 23.19 17.70
C PRO B 177 -6.71 24.37 18.47
N LYS B 178 -7.23 24.62 19.66
CA LYS B 178 -6.71 25.72 20.48
C LYS B 178 -5.24 25.47 20.82
N SER B 179 -4.91 24.23 21.16
CA SER B 179 -3.53 23.88 21.51
C SER B 179 -2.61 24.10 20.32
N ALA B 180 -3.10 23.73 19.14
CA ALA B 180 -2.34 23.87 17.91
C ALA B 180 -2.18 25.36 17.54
N LYS B 181 -3.26 26.13 17.72
CA LYS B 181 -3.22 27.58 17.46
C LYS B 181 -2.13 28.20 18.34
N LEU B 182 -2.16 27.86 19.63
CA LEU B 182 -1.17 28.34 20.59
C LEU B 182 0.28 27.92 20.15
N LEU B 183 0.48 26.63 19.87
CA LEU B 183 1.80 26.16 19.44
C LEU B 183 2.25 26.97 18.23
N LYS B 184 1.40 27.08 17.22
CA LYS B 184 1.75 27.83 16.02
C LYS B 184 2.18 29.28 16.31
N SER B 185 1.51 29.94 17.27
CA SER B 185 1.85 31.32 17.61
C SER B 185 3.17 31.37 18.32
N LYS B 186 3.42 30.39 19.17
CA LYS B 186 4.66 30.36 19.96
C LYS B 186 5.92 30.02 19.16
N TYR B 187 5.80 29.08 18.23
CA TYR B 187 6.97 28.69 17.47
C TYR B 187 6.88 28.93 15.96
N GLY B 188 6.28 30.06 15.58
CA GLY B 188 6.15 30.38 14.18
C GLY B 188 7.51 30.69 13.62
N LYS B 189 8.47 30.98 14.50
CA LYS B 189 9.85 31.29 14.09
C LYS B 189 10.68 30.03 13.93
N ALA B 190 10.03 28.87 14.01
CA ALA B 190 10.70 27.59 13.87
C ALA B 190 11.38 27.46 12.51
N LYS B 191 12.61 26.94 12.52
CA LYS B 191 13.43 26.68 11.34
C LYS B 191 13.13 25.25 10.84
N LEU B 192 13.04 24.33 11.79
CA LEU B 192 12.67 22.93 11.53
C LEU B 192 11.73 22.46 12.62
N VAL B 193 10.69 21.72 12.21
CA VAL B 193 9.70 21.13 13.10
C VAL B 193 9.88 19.61 12.88
N VAL B 194 10.10 18.88 13.96
CA VAL B 194 10.31 17.45 13.84
C VAL B 194 9.15 16.66 14.44
N PRO B 195 8.31 16.02 13.59
CA PRO B 195 7.16 15.23 14.04
C PRO B 195 7.64 13.87 14.49
N SER B 196 6.82 13.14 15.25
CA SER B 196 7.23 11.81 15.70
C SER B 196 7.13 10.75 14.61
N HIS B 197 6.08 10.81 13.81
CA HIS B 197 5.83 9.79 12.81
C HIS B 197 5.87 10.13 11.32
N SER B 198 6.37 11.31 11.01
CA SER B 198 6.46 11.73 9.62
C SER B 198 7.71 12.54 9.54
N GLU B 199 8.06 12.90 8.33
CA GLU B 199 9.27 13.64 8.04
C GLU B 199 9.40 15.05 8.60
N VAL B 200 10.65 15.48 8.71
CA VAL B 200 11.02 16.82 9.14
C VAL B 200 10.59 17.88 8.06
N GLY B 201 10.12 19.04 8.49
CA GLY B 201 9.73 20.10 7.57
C GLY B 201 9.97 21.41 8.31
N ASP B 202 9.38 22.51 7.87
CA ASP B 202 9.56 23.77 8.60
C ASP B 202 8.34 24.20 9.38
N ALA B 203 8.27 25.48 9.71
CA ALA B 203 7.16 26.02 10.48
C ALA B 203 5.78 25.70 9.89
N SER B 204 5.73 25.43 8.58
CA SER B 204 4.46 25.15 7.92
C SER B 204 3.77 23.92 8.52
N LEU B 205 4.51 23.06 9.19
CA LEU B 205 3.87 21.89 9.77
C LEU B 205 2.95 22.31 10.91
N LEU B 206 3.24 23.45 11.53
CA LEU B 206 2.41 23.96 12.62
C LEU B 206 1.04 24.32 12.05
N LYS B 207 1.05 25.01 10.91
CA LYS B 207 -0.20 25.37 10.22
C LYS B 207 -1.01 24.13 9.79
N LEU B 208 -0.34 23.13 9.21
CA LEU B 208 -1.02 21.91 8.78
C LEU B 208 -1.65 21.20 9.97
N THR B 209 -0.89 21.09 11.05
CA THR B 209 -1.43 20.43 12.23
C THR B 209 -2.72 21.15 12.68
N LEU B 210 -2.69 22.49 12.75
CA LEU B 210 -3.85 23.28 13.16
C LEU B 210 -5.02 22.93 12.27
N GLU B 211 -4.83 23.10 10.96
CA GLU B 211 -5.84 22.77 9.96
C GLU B 211 -6.40 21.37 10.19
N GLN B 212 -5.52 20.39 10.40
CA GLN B 212 -5.98 19.03 10.64
C GLN B 212 -6.78 18.94 11.94
N ALA B 213 -6.34 19.65 12.98
CA ALA B 213 -7.07 19.60 14.24
C ALA B 213 -8.44 20.19 14.02
N VAL B 214 -8.51 21.37 13.43
CA VAL B 214 -9.80 22.01 13.14
C VAL B 214 -10.71 21.04 12.38
N LYS B 215 -10.15 20.45 11.32
CA LYS B 215 -10.88 19.49 10.51
C LYS B 215 -11.32 18.33 11.41
N GLY B 216 -10.39 17.84 12.19
CA GLY B 216 -10.69 16.75 13.08
C GLY B 216 -11.86 17.05 13.99
N LEU B 217 -11.83 18.21 14.64
CA LEU B 217 -12.92 18.57 15.53
C LEU B 217 -14.21 18.76 14.76
N ASN B 218 -14.13 19.56 13.69
CA ASN B 218 -15.30 19.84 12.86
C ASN B 218 -16.00 18.56 12.47
N GLU B 219 -15.23 17.49 12.30
CA GLU B 219 -15.84 16.20 11.96
C GLU B 219 -16.67 15.80 13.18
N SER B 220 -17.05 16.80 13.97
CA SER B 220 -17.84 16.64 15.17
C SER B 220 -17.37 15.39 15.90
#